data_1Y82
#
_entry.id   1Y82
#
_cell.length_a   57.601
_cell.length_b   103.667
_cell.length_c   104.253
_cell.angle_alpha   90.00
_cell.angle_beta   90.00
_cell.angle_gamma   90.00
#
_symmetry.space_group_name_H-M   'P 21 21 21'
#
loop_
_entity.id
_entity.type
_entity.pdbx_description
1 polymer 'hypothetical protein'
2 non-polymer 'UNKNOWN ATOM OR ION'
3 water water
#
_entity_poly.entity_id   1
_entity_poly.type   'polypeptide(L)'
_entity_poly.pdbx_seq_one_letter_code
;AHHHHHHGSPLPPDITFDSLALIK(MSE)HSQS(MSE)KKILEITLAKFTVNLSIVTVYRYLTVRAYLKKNIELELDVLK
DIYNIVPLNEEIAIKAAQIEADL(MSE)RKG(MSE)(MSE)PDIEDVLTAATAIYTKSLLITDDSKRYEP(MSE)RRFGL
DT(MSE)PLDKFVKEVEL(MSE)VEKELI
;
_entity_poly.pdbx_strand_id   A,B,C,D
#
# COMPACT_ATOMS: atom_id res chain seq x y z
N PRO A 10 -9.15 20.74 13.62
CA PRO A 10 -10.25 20.52 14.59
C PRO A 10 -10.24 19.13 15.20
N LEU A 11 -9.71 18.15 14.48
CA LEU A 11 -9.65 16.79 15.01
C LEU A 11 -8.49 16.62 16.03
N PRO A 12 -8.79 15.90 17.15
CA PRO A 12 -7.75 15.64 18.16
C PRO A 12 -6.66 14.71 17.57
N PRO A 13 -5.38 14.94 17.91
CA PRO A 13 -4.32 14.07 17.35
C PRO A 13 -4.56 12.59 17.68
N ASP A 14 -4.11 11.72 16.77
CA ASP A 14 -4.28 10.30 16.95
C ASP A 14 -3.08 9.77 17.68
N ILE A 15 -3.35 9.00 18.73
CA ILE A 15 -2.27 8.34 19.48
C ILE A 15 -2.62 6.88 19.77
N THR A 16 -1.62 6.13 20.22
CA THR A 16 -1.83 4.78 20.69
C THR A 16 -0.80 4.52 21.78
N PHE A 17 -0.91 3.32 22.37
CA PHE A 17 -0.02 2.87 23.44
C PHE A 17 0.34 1.42 23.14
N ASP A 18 1.49 0.97 23.60
CA ASP A 18 1.73 -0.46 23.68
C ASP A 18 1.15 -0.95 25.00
N SER A 19 1.12 -2.25 25.19
CA SER A 19 0.49 -2.82 26.38
C SER A 19 1.15 -2.44 27.73
N LEU A 20 2.47 -2.34 27.77
CA LEU A 20 3.11 -1.92 29.02
C LEU A 20 2.71 -0.51 29.41
N ALA A 21 2.60 0.36 28.41
CA ALA A 21 2.29 1.75 28.65
C ALA A 21 0.81 1.91 28.98
N LEU A 22 -0.01 1.07 28.37
CA LEU A 22 -1.48 1.09 28.62
C LEU A 22 -1.79 0.70 30.08
N ILE A 23 -1.14 -0.37 30.54
CA ILE A 23 -1.22 -0.79 31.91
C ILE A 23 -0.89 0.36 32.87
N LYS A 24 0.17 1.11 32.58
CA LYS A 24 0.51 2.25 33.44
C LYS A 24 -0.52 3.37 33.31
N HIS A 26 -3.58 3.12 33.07
CA HIS A 26 -4.77 2.68 33.84
C HIS A 26 -4.48 2.49 35.35
N SER A 27 -3.23 2.68 35.75
CA SER A 27 -2.90 2.64 37.17
C SER A 27 -3.59 3.77 37.95
N GLN A 28 -3.83 3.53 39.24
CA GLN A 28 -4.43 4.52 40.15
C GLN A 28 -3.78 5.90 40.02
N SER A 29 -2.46 5.92 40.02
CA SER A 29 -1.68 7.14 39.99
C SER A 29 -1.82 7.96 38.70
N LYS A 31 -4.87 8.34 36.89
CA LYS A 31 -6.30 8.50 36.61
C LYS A 31 -6.62 9.80 35.91
N LYS A 32 -6.05 10.90 36.41
CA LYS A 32 -6.33 12.24 35.89
C LYS A 32 -5.73 12.36 34.49
N ILE A 33 -4.50 11.85 34.34
CA ILE A 33 -3.79 11.85 33.06
C ILE A 33 -4.58 11.09 32.00
N LEU A 34 -5.08 9.90 32.37
CA LEU A 34 -5.96 9.12 31.52
C LEU A 34 -7.17 9.94 31.10
N GLU A 35 -7.84 10.54 32.07
CA GLU A 35 -9.03 11.34 31.85
C GLU A 35 -8.77 12.51 30.91
N ILE A 36 -7.65 13.21 31.11
CA ILE A 36 -7.28 14.30 30.19
C ILE A 36 -6.90 13.72 28.83
N THR A 37 -6.18 12.60 28.83
CA THR A 37 -5.81 11.97 27.55
C THR A 37 -7.05 11.61 26.72
N LEU A 38 -8.09 11.06 27.36
CA LEU A 38 -9.31 10.69 26.64
C LEU A 38 -10.07 11.89 26.08
N ALA A 39 -10.01 13.02 26.79
CA ALA A 39 -10.67 14.26 26.38
C ALA A 39 -9.93 14.97 25.25
N LYS A 40 -8.62 14.78 25.13
CA LYS A 40 -7.82 15.60 24.20
C LYS A 40 -7.25 14.87 23.01
N PHE A 41 -7.33 13.55 23.01
CA PHE A 41 -6.76 12.77 21.92
C PHE A 41 -7.71 11.68 21.45
N THR A 42 -7.56 11.23 20.21
CA THR A 42 -8.18 9.99 19.73
C THR A 42 -7.20 8.84 19.97
N VAL A 43 -7.59 7.87 20.79
CA VAL A 43 -6.71 6.74 21.11
C VAL A 43 -7.13 5.47 20.36
N ASN A 44 -6.27 5.04 19.43
CA ASN A 44 -6.49 3.94 18.53
C ASN A 44 -5.67 2.75 18.96
N LEU A 45 -6.30 1.84 19.71
CA LEU A 45 -5.59 0.69 20.30
C LEU A 45 -5.71 -0.53 19.41
N SER A 46 -4.59 -1.18 19.16
CA SER A 46 -4.62 -2.44 18.49
C SER A 46 -5.34 -3.43 19.42
N ILE A 47 -6.18 -4.28 18.84
CA ILE A 47 -6.76 -5.39 19.56
C ILE A 47 -5.70 -6.27 20.25
N VAL A 48 -4.49 -6.27 19.72
CA VAL A 48 -3.42 -7.06 20.29
C VAL A 48 -2.86 -6.47 21.59
N THR A 49 -2.74 -5.13 21.65
CA THR A 49 -2.45 -4.41 22.89
C THR A 49 -3.58 -4.64 23.91
N VAL A 50 -4.83 -4.63 23.45
CA VAL A 50 -5.98 -4.93 24.30
C VAL A 50 -5.88 -6.34 24.87
N TYR A 51 -5.52 -7.29 24.04
CA TYR A 51 -5.42 -8.67 24.50
C TYR A 51 -4.29 -8.79 25.51
N ARG A 52 -3.17 -8.12 25.27
CA ARG A 52 -2.06 -8.27 26.20
C ARG A 52 -2.38 -7.60 27.53
N TYR A 53 -3.09 -6.48 27.47
CA TYR A 53 -3.57 -5.80 28.67
C TYR A 53 -4.58 -6.67 29.49
N LEU A 54 -5.55 -7.28 28.82
CA LEU A 54 -6.55 -8.13 29.50
C LEU A 54 -5.97 -9.45 30.02
N THR A 55 -4.86 -9.90 29.43
CA THR A 55 -4.09 -10.99 29.99
C THR A 55 -3.60 -10.64 31.44
N VAL A 56 -3.02 -9.45 31.59
CA VAL A 56 -2.55 -8.99 32.91
C VAL A 56 -3.74 -8.95 33.89
N ARG A 57 -4.82 -8.33 33.46
CA ARG A 57 -6.04 -8.21 34.23
C ARG A 57 -6.68 -9.55 34.62
N ALA A 58 -6.71 -10.53 33.71
CA ALA A 58 -7.22 -11.88 34.07
C ALA A 58 -6.28 -12.63 35.00
N TYR A 59 -4.98 -12.40 34.86
CA TYR A 59 -3.98 -12.96 35.81
C TYR A 59 -4.16 -12.42 37.26
N LEU A 60 -4.54 -11.15 37.36
CA LEU A 60 -4.93 -10.53 38.60
C LEU A 60 -6.38 -10.88 38.97
N LYS A 61 -7.00 -11.77 38.20
CA LYS A 61 -8.39 -12.26 38.46
C LYS A 61 -9.47 -11.17 38.43
N LYS A 62 -9.26 -10.17 37.57
CA LYS A 62 -10.23 -9.12 37.42
C LYS A 62 -11.33 -9.57 36.50
N ASN A 63 -12.33 -8.73 36.37
CA ASN A 63 -13.47 -9.00 35.54
C ASN A 63 -13.26 -8.43 34.14
N ILE A 64 -12.62 -9.22 33.28
CA ILE A 64 -12.14 -8.72 31.98
C ILE A 64 -13.25 -8.40 31.02
N GLU A 65 -14.35 -9.13 31.11
CA GLU A 65 -15.49 -8.80 30.24
C GLU A 65 -16.02 -7.44 30.63
N LEU A 66 -16.14 -7.23 31.93
CA LEU A 66 -16.61 -5.95 32.46
C LEU A 66 -15.66 -4.82 32.06
N GLU A 67 -14.37 -5.04 32.31
CA GLU A 67 -13.36 -3.99 31.98
C GLU A 67 -13.22 -3.77 30.47
N LEU A 68 -13.24 -4.83 29.67
CA LEU A 68 -13.29 -4.66 28.20
C LEU A 68 -14.46 -3.77 27.71
N ASP A 69 -15.64 -3.89 28.31
CA ASP A 69 -16.75 -3.02 27.92
C ASP A 69 -16.46 -1.51 28.17
N VAL A 70 -15.76 -1.21 29.25
CA VAL A 70 -15.31 0.16 29.50
C VAL A 70 -14.27 0.55 28.43
N LEU A 71 -13.26 -0.27 28.22
CA LEU A 71 -12.30 -0.05 27.13
C LEU A 71 -12.96 0.18 25.77
N LYS A 72 -13.86 -0.72 25.38
CA LYS A 72 -14.62 -0.56 24.14
C LYS A 72 -15.22 0.83 24.00
N ASP A 73 -15.56 1.44 25.12
CA ASP A 73 -16.26 2.70 25.14
C ASP A 73 -15.36 3.92 25.07
N ILE A 74 -14.15 3.84 25.61
CA ILE A 74 -13.30 5.02 25.69
C ILE A 74 -12.19 5.01 24.61
N TYR A 75 -11.99 3.83 24.03
CA TYR A 75 -10.95 3.63 23.07
C TYR A 75 -11.54 3.27 21.74
N ASN A 76 -10.87 3.70 20.67
CA ASN A 76 -11.06 3.10 19.37
C ASN A 76 -10.24 1.80 19.31
N ILE A 77 -10.92 0.67 19.40
CA ILE A 77 -10.22 -0.62 19.40
C ILE A 77 -10.17 -1.15 17.96
N VAL A 78 -8.96 -1.29 17.44
CA VAL A 78 -8.70 -1.58 16.03
C VAL A 78 -8.45 -3.08 15.83
N PRO A 79 -9.39 -3.79 15.17
CA PRO A 79 -9.17 -5.23 15.01
C PRO A 79 -7.97 -5.51 14.10
N LEU A 80 -7.47 -6.74 14.15
CA LEU A 80 -6.45 -7.11 13.24
C LEU A 80 -7.18 -7.62 12.00
N ASN A 81 -7.20 -6.83 10.94
CA ASN A 81 -7.92 -7.19 9.71
C ASN A 81 -6.91 -7.51 8.61
N GLU A 82 -7.42 -7.75 7.39
CA GLU A 82 -6.56 -8.13 6.27
C GLU A 82 -5.53 -7.07 5.96
N GLU A 83 -5.99 -5.81 5.97
CA GLU A 83 -5.19 -4.63 5.61
C GLU A 83 -4.02 -4.38 6.57
N ILE A 84 -4.25 -4.57 7.86
CA ILE A 84 -3.14 -4.44 8.82
C ILE A 84 -2.17 -5.65 8.75
N ALA A 85 -2.72 -6.82 8.46
CA ALA A 85 -1.88 -8.01 8.28
C ALA A 85 -0.93 -7.89 7.06
N ILE A 86 -1.43 -7.40 5.94
CA ILE A 86 -0.57 -7.14 4.80
C ILE A 86 0.55 -6.19 5.20
N LYS A 87 0.17 -5.07 5.85
CA LYS A 87 1.15 -4.05 6.24
C LYS A 87 2.17 -4.66 7.16
N ALA A 88 1.71 -5.47 8.13
CA ALA A 88 2.61 -6.13 9.09
C ALA A 88 3.49 -7.18 8.44
N ALA A 89 2.93 -7.90 7.48
CA ALA A 89 3.73 -8.88 6.70
C ALA A 89 4.87 -8.20 5.91
N GLN A 90 4.55 -7.08 5.26
CA GLN A 90 5.55 -6.26 4.51
C GLN A 90 6.60 -5.71 5.44
N ILE A 91 6.16 -5.08 6.53
CA ILE A 91 7.10 -4.60 7.55
C ILE A 91 8.05 -5.71 7.94
N GLU A 92 7.50 -6.79 8.49
CA GLU A 92 8.32 -7.85 9.05
C GLU A 92 9.21 -8.56 7.99
N ALA A 93 8.70 -8.74 6.78
CA ALA A 93 9.53 -9.34 5.71
C ALA A 93 10.77 -8.47 5.45
N ASP A 94 10.55 -7.16 5.31
CA ASP A 94 11.61 -6.19 5.06
C ASP A 94 12.61 -6.08 6.22
N LEU A 95 12.16 -6.30 7.46
CA LEU A 95 13.08 -6.33 8.61
C LEU A 95 13.91 -7.61 8.63
N ARG A 97 14.69 -9.33 5.83
CA ARG A 97 15.60 -9.11 4.69
C ARG A 97 16.85 -8.35 5.09
N LYS A 98 16.99 -8.07 6.40
CA LYS A 98 18.01 -7.20 6.97
C LYS A 98 18.57 -7.74 8.30
N GLY A 99 18.35 -9.03 8.55
CA GLY A 99 18.97 -9.72 9.67
C GLY A 99 18.20 -9.69 10.98
N PRO A 102 11.89 -9.53 14.61
CA PRO A 102 11.14 -8.75 15.60
C PRO A 102 10.01 -9.55 16.26
N ASP A 103 9.61 -9.09 17.45
CA ASP A 103 8.49 -9.68 18.16
C ASP A 103 7.17 -9.45 17.46
N ILE A 104 6.30 -10.47 17.52
CA ILE A 104 4.95 -10.39 16.95
C ILE A 104 4.23 -9.20 17.53
N GLU A 105 4.19 -9.06 18.83
CA GLU A 105 3.47 -7.92 19.44
C GLU A 105 3.93 -6.54 18.92
N ASP A 106 5.24 -6.31 18.87
CA ASP A 106 5.85 -5.12 18.28
C ASP A 106 5.44 -4.83 16.83
N VAL A 107 5.57 -5.85 15.97
CA VAL A 107 5.18 -5.68 14.57
C VAL A 107 3.70 -5.35 14.38
N LEU A 108 2.82 -6.05 15.07
CA LEU A 108 1.38 -5.81 14.87
C LEU A 108 0.94 -4.51 15.52
N THR A 109 1.64 -4.13 16.58
CA THR A 109 1.39 -2.87 17.25
C THR A 109 1.87 -1.72 16.37
N ALA A 110 3.10 -1.87 15.85
CA ALA A 110 3.68 -0.86 14.99
C ALA A 110 2.84 -0.71 13.75
N ALA A 111 2.48 -1.86 13.16
CA ALA A 111 1.77 -1.87 11.90
C ALA A 111 0.42 -1.20 12.03
N THR A 112 -0.27 -1.45 13.15
CA THR A 112 -1.55 -0.79 13.42
C THR A 112 -1.40 0.72 13.62
N ALA A 113 -0.33 1.15 14.27
CA ALA A 113 -0.06 2.58 14.47
C ALA A 113 0.28 3.28 13.16
N ILE A 114 1.04 2.61 12.29
CA ILE A 114 1.25 3.19 10.95
C ILE A 114 -0.07 3.27 10.17
N TYR A 115 -0.88 2.23 10.26
CA TYR A 115 -2.13 2.19 9.50
C TYR A 115 -3.19 3.20 9.99
N THR A 116 -3.23 3.44 11.29
CA THR A 116 -4.15 4.44 11.86
C THR A 116 -3.49 5.84 11.88
N LYS A 117 -2.17 5.91 11.61
CA LYS A 117 -1.38 7.16 11.66
C LYS A 117 -1.33 7.72 13.11
N SER A 118 -1.13 6.81 14.08
CA SER A 118 -1.13 7.13 15.52
C SER A 118 0.27 7.22 16.07
N LEU A 119 0.50 8.29 16.83
CA LEU A 119 1.73 8.44 17.57
C LEU A 119 1.75 7.37 18.67
N LEU A 120 2.78 6.52 18.61
CA LEU A 120 2.88 5.42 19.55
C LEU A 120 3.63 5.84 20.81
N ILE A 121 2.93 5.77 21.93
CA ILE A 121 3.50 6.19 23.19
C ILE A 121 3.97 5.01 24.02
N THR A 122 5.22 5.07 24.46
CA THR A 122 5.85 3.87 25.00
C THR A 122 7.01 4.22 25.92
N ASP A 123 7.32 3.32 26.83
CA ASP A 123 8.53 3.42 27.67
C ASP A 123 9.75 2.80 27.01
N ASP A 124 9.56 2.16 25.85
CA ASP A 124 10.65 1.45 25.13
C ASP A 124 10.72 1.84 23.66
N SER A 125 10.92 3.13 23.41
CA SER A 125 10.99 3.68 22.06
C SER A 125 12.12 3.10 21.18
N LYS A 126 13.24 2.75 21.81
CA LYS A 126 14.39 2.12 21.10
C LYS A 126 14.06 0.75 20.54
N ARG A 127 13.11 0.07 21.16
CA ARG A 127 12.62 -1.22 20.69
C ARG A 127 11.90 -1.07 19.34
N TYR A 128 11.31 0.11 19.11
CA TYR A 128 10.54 0.41 17.91
C TYR A 128 11.32 1.14 16.80
N GLU A 129 12.59 1.47 17.06
CA GLU A 129 13.46 2.18 16.09
C GLU A 129 13.56 1.52 14.69
N PRO A 130 13.70 0.17 14.62
CA PRO A 130 13.79 -0.38 13.25
C PRO A 130 12.55 -0.11 12.38
N ARG A 132 10.86 2.89 12.33
CA ARG A 132 10.75 4.32 11.96
C ARG A 132 10.65 4.48 10.43
N ARG A 133 11.55 3.80 9.70
CA ARG A 133 11.60 3.83 8.21
C ARG A 133 10.26 3.52 7.52
N PHE A 134 9.42 2.74 8.22
CA PHE A 134 8.13 2.33 7.69
C PHE A 134 7.04 3.37 7.95
N GLY A 135 7.42 4.44 8.66
CA GLY A 135 6.51 5.55 8.96
C GLY A 135 5.92 5.54 10.37
N LEU A 136 6.49 4.71 11.27
CA LEU A 136 6.10 4.74 12.66
C LEU A 136 6.66 5.98 13.37
N ASP A 137 5.80 6.70 14.08
CA ASP A 137 6.23 7.75 15.03
C ASP A 137 6.04 7.32 16.48
N THR A 138 7.06 7.55 17.30
CA THR A 138 6.98 7.27 18.72
C THR A 138 7.22 8.53 19.57
N PRO A 140 8.24 8.89 24.08
CA PRO A 140 8.33 8.21 25.37
C PRO A 140 7.13 8.53 26.28
N LEU A 141 6.67 7.58 27.10
CA LEU A 141 5.53 7.82 27.99
C LEU A 141 5.77 9.03 28.93
N ASP A 142 6.97 9.08 29.52
CA ASP A 142 7.30 10.12 30.52
C ASP A 142 7.14 11.53 29.93
N LYS A 143 7.54 11.67 28.68
CA LYS A 143 7.50 12.93 27.97
C LYS A 143 6.08 13.25 27.57
N PHE A 144 5.33 12.24 27.15
CA PHE A 144 3.93 12.45 26.81
C PHE A 144 3.13 12.91 28.05
N VAL A 145 3.33 12.26 29.19
CA VAL A 145 2.67 12.62 30.45
C VAL A 145 2.97 14.10 30.87
N LYS A 146 4.24 14.53 30.80
CA LYS A 146 4.66 15.91 31.05
C LYS A 146 4.02 16.92 30.11
N GLU A 147 3.77 16.49 28.86
CA GLU A 147 3.11 17.33 27.90
C GLU A 147 1.61 17.47 28.15
N VAL A 148 0.96 16.38 28.56
CA VAL A 148 -0.46 16.40 28.98
C VAL A 148 -0.60 17.26 30.24
N GLU A 149 0.30 17.09 31.19
CA GLU A 149 0.28 17.90 32.39
C GLU A 149 0.35 19.38 32.01
N LEU A 150 1.32 19.72 31.15
CA LEU A 150 1.49 21.09 30.61
C LEU A 150 0.23 21.68 29.95
N VAL A 152 -2.89 20.91 30.56
CA VAL A 152 -3.84 21.17 31.65
C VAL A 152 -3.44 22.45 32.43
N GLU A 153 -2.17 22.51 32.83
CA GLU A 153 -1.66 23.68 33.51
C GLU A 153 -2.01 24.95 32.73
N LYS A 154 -1.64 25.01 31.46
CA LYS A 154 -1.91 26.17 30.63
C LYS A 154 -3.39 26.54 30.51
N GLU A 155 -4.28 25.55 30.35
CA GLU A 155 -5.72 25.82 30.13
C GLU A 155 -6.40 26.28 31.44
N LEU A 156 -5.90 25.79 32.57
CA LEU A 156 -6.48 26.05 33.87
C LEU A 156 -5.77 27.14 34.66
N LEU B 11 -13.14 -34.88 10.99
CA LEU B 11 -14.59 -35.24 10.83
C LEU B 11 -15.56 -34.02 10.77
N PRO B 12 -15.35 -32.95 11.58
CA PRO B 12 -16.37 -31.89 11.58
C PRO B 12 -16.33 -30.98 10.32
N PRO B 13 -17.41 -30.23 10.03
CA PRO B 13 -17.36 -29.41 8.80
C PRO B 13 -16.34 -28.25 8.85
N ASP B 14 -16.01 -27.78 10.05
CA ASP B 14 -15.13 -26.61 10.23
C ASP B 14 -13.76 -27.05 10.69
N ILE B 15 -12.75 -26.68 9.91
CA ILE B 15 -11.37 -26.94 10.30
C ILE B 15 -10.53 -25.65 10.19
N THR B 16 -9.37 -25.65 10.84
CA THR B 16 -8.39 -24.61 10.63
C THR B 16 -7.00 -25.23 10.60
N PHE B 17 -6.01 -24.44 10.27
CA PHE B 17 -4.60 -24.87 10.27
C PHE B 17 -3.83 -23.78 10.94
N ASP B 18 -2.74 -24.15 11.60
CA ASP B 18 -1.75 -23.16 12.06
C ASP B 18 -0.73 -22.93 10.94
N SER B 19 0.25 -22.08 11.18
CA SER B 19 1.06 -21.54 10.10
C SER B 19 1.83 -22.61 9.30
N LEU B 20 2.50 -23.51 9.99
CA LEU B 20 3.29 -24.56 9.38
C LEU B 20 2.43 -25.59 8.64
N ALA B 21 1.31 -26.00 9.22
CA ALA B 21 0.39 -26.92 8.53
C ALA B 21 -0.15 -26.26 7.29
N LEU B 22 -0.45 -24.96 7.34
CA LEU B 22 -0.88 -24.27 6.12
C LEU B 22 0.17 -24.38 4.99
N ILE B 23 1.42 -24.08 5.33
CA ILE B 23 2.57 -24.20 4.44
C ILE B 23 2.70 -25.60 3.81
N LYS B 24 2.68 -26.63 4.65
CA LYS B 24 2.63 -28.02 4.16
C LYS B 24 1.45 -28.28 3.23
N HIS B 26 0.01 -26.36 1.26
CA HIS B 26 0.26 -25.67 0.00
C HIS B 26 1.37 -26.28 -0.86
N SER B 27 2.22 -27.11 -0.27
CA SER B 27 3.26 -27.80 -1.00
C SER B 27 2.67 -28.64 -2.13
N GLN B 28 3.42 -28.72 -3.24
CA GLN B 28 3.09 -29.57 -4.37
C GLN B 28 2.68 -31.01 -3.98
N SER B 29 3.31 -31.57 -2.95
CA SER B 29 2.99 -32.94 -2.56
C SER B 29 1.66 -33.12 -1.78
N LYS B 31 -1.14 -31.52 -2.83
CA LYS B 31 -2.00 -30.75 -3.71
C LYS B 31 -3.29 -31.50 -3.93
N LYS B 32 -3.23 -32.82 -3.73
CA LYS B 32 -4.41 -33.72 -3.88
C LYS B 32 -5.24 -33.78 -2.59
N ILE B 33 -4.55 -33.85 -1.45
CA ILE B 33 -5.18 -33.73 -0.16
C ILE B 33 -5.89 -32.38 -0.03
N LEU B 34 -5.26 -31.33 -0.55
CA LEU B 34 -5.86 -30.02 -0.47
C LEU B 34 -7.15 -29.99 -1.25
N GLU B 35 -7.11 -30.54 -2.46
CA GLU B 35 -8.28 -30.59 -3.34
C GLU B 35 -9.49 -31.26 -2.66
N ILE B 36 -9.25 -32.35 -1.97
CA ILE B 36 -10.31 -33.07 -1.24
C ILE B 36 -10.75 -32.30 0.00
N THR B 37 -9.79 -31.66 0.68
CA THR B 37 -10.06 -30.86 1.87
C THR B 37 -11.06 -29.79 1.54
N LEU B 38 -10.82 -29.08 0.44
CA LEU B 38 -11.69 -27.96 0.05
C LEU B 38 -13.03 -28.40 -0.52
N ALA B 39 -13.13 -29.64 -1.01
CA ALA B 39 -14.44 -30.23 -1.36
C ALA B 39 -15.25 -30.47 -0.10
N LYS B 40 -14.58 -30.80 0.99
CA LYS B 40 -15.29 -31.36 2.15
C LYS B 40 -15.44 -30.44 3.36
N PHE B 41 -14.51 -29.51 3.53
CA PHE B 41 -14.46 -28.77 4.80
C PHE B 41 -14.48 -27.29 4.58
N THR B 42 -14.98 -26.56 5.57
CA THR B 42 -14.81 -25.11 5.61
C THR B 42 -13.58 -24.84 6.41
N VAL B 43 -12.66 -24.08 5.82
CA VAL B 43 -11.40 -23.76 6.44
C VAL B 43 -11.39 -22.31 6.94
N ASN B 44 -11.37 -22.17 8.27
CA ASN B 44 -11.42 -20.89 8.95
C ASN B 44 -10.06 -20.43 9.49
N LEU B 45 -9.27 -19.74 8.69
CA LEU B 45 -7.92 -19.34 9.12
C LEU B 45 -7.97 -18.12 10.00
N SER B 46 -7.16 -18.13 11.06
CA SER B 46 -6.89 -16.93 11.82
C SER B 46 -6.11 -15.92 10.98
N ILE B 47 -6.43 -14.65 11.17
CA ILE B 47 -5.68 -13.54 10.57
C ILE B 47 -4.19 -13.60 10.99
N VAL B 48 -3.91 -14.27 12.11
CA VAL B 48 -2.53 -14.39 12.62
C VAL B 48 -1.76 -15.39 11.76
N THR B 49 -2.44 -16.47 11.44
CA THR B 49 -1.91 -17.52 10.60
C THR B 49 -1.68 -16.92 9.20
N VAL B 50 -2.68 -16.21 8.70
CA VAL B 50 -2.56 -15.49 7.42
C VAL B 50 -1.42 -14.49 7.46
N TYR B 51 -1.34 -13.68 8.50
CA TYR B 51 -0.21 -12.74 8.62
C TYR B 51 1.14 -13.42 8.65
N ARG B 52 1.27 -14.52 9.38
CA ARG B 52 2.55 -15.23 9.47
C ARG B 52 2.96 -15.80 8.10
N TYR B 53 1.97 -16.37 7.42
CA TYR B 53 2.09 -16.89 6.05
C TYR B 53 2.47 -15.80 5.05
N LEU B 54 1.72 -14.71 5.04
CA LEU B 54 2.07 -13.60 4.17
C LEU B 54 3.46 -13.03 4.46
N THR B 55 3.98 -13.21 5.68
CA THR B 55 5.29 -12.67 6.01
C THR B 55 6.37 -13.40 5.22
N VAL B 56 6.29 -14.72 5.20
CA VAL B 56 7.28 -15.52 4.48
C VAL B 56 7.14 -15.41 2.95
N ARG B 57 5.91 -15.24 2.46
CA ARG B 57 5.70 -15.00 1.03
C ARG B 57 6.32 -13.67 0.61
N ALA B 58 6.00 -12.60 1.35
CA ALA B 58 6.56 -11.27 1.10
C ALA B 58 8.08 -11.30 1.18
N TYR B 59 8.61 -12.10 2.09
CA TYR B 59 10.04 -12.30 2.19
C TYR B 59 10.63 -12.92 0.89
N LEU B 60 9.82 -13.74 0.21
CA LEU B 60 10.22 -14.39 -1.02
C LEU B 60 9.83 -13.49 -2.18
N LYS B 61 9.52 -12.24 -1.86
CA LYS B 61 9.26 -11.18 -2.85
C LYS B 61 8.02 -11.42 -3.68
N LYS B 62 7.00 -12.02 -3.08
CA LYS B 62 5.72 -12.25 -3.77
C LYS B 62 4.78 -11.05 -3.61
N ASN B 63 3.78 -10.96 -4.50
CA ASN B 63 2.75 -9.94 -4.39
C ASN B 63 1.72 -10.40 -3.38
N ILE B 64 1.84 -9.95 -2.14
CA ILE B 64 1.02 -10.51 -1.07
C ILE B 64 -0.40 -10.02 -1.10
N GLU B 65 -0.65 -8.86 -1.70
CA GLU B 65 -2.02 -8.41 -1.97
C GLU B 65 -2.76 -9.40 -2.89
N LEU B 66 -2.07 -9.89 -3.93
CA LEU B 66 -2.65 -10.86 -4.87
C LEU B 66 -2.77 -12.22 -4.20
N GLU B 67 -1.71 -12.65 -3.52
CA GLU B 67 -1.74 -13.91 -2.77
C GLU B 67 -2.84 -13.97 -1.69
N LEU B 68 -3.11 -12.85 -1.04
CA LEU B 68 -4.24 -12.80 -0.10
C LEU B 68 -5.60 -12.98 -0.82
N ASP B 69 -5.74 -12.38 -2.00
CA ASP B 69 -6.93 -12.57 -2.80
C ASP B 69 -7.20 -14.02 -3.17
N VAL B 70 -6.15 -14.75 -3.52
CA VAL B 70 -6.24 -16.19 -3.72
C VAL B 70 -6.61 -16.90 -2.41
N LEU B 71 -5.99 -16.48 -1.30
CA LEU B 71 -6.30 -17.07 0.02
C LEU B 71 -7.76 -16.91 0.37
N LYS B 72 -8.30 -15.70 0.24
CA LYS B 72 -9.68 -15.52 0.68
C LYS B 72 -10.72 -16.09 -0.30
N ASP B 73 -10.28 -16.50 -1.49
CA ASP B 73 -11.14 -17.22 -2.41
C ASP B 73 -11.45 -18.63 -1.88
N ILE B 74 -10.45 -19.32 -1.35
CA ILE B 74 -10.64 -20.72 -0.86
C ILE B 74 -10.81 -20.86 0.66
N TYR B 75 -10.40 -19.85 1.42
CA TYR B 75 -10.45 -19.90 2.88
C TYR B 75 -11.40 -18.86 3.47
N ASN B 76 -11.86 -19.08 4.70
CA ASN B 76 -12.45 -18.03 5.52
C ASN B 76 -11.31 -17.45 6.39
N ILE B 77 -11.14 -16.14 6.38
CA ILE B 77 -10.11 -15.51 7.17
C ILE B 77 -10.79 -14.80 8.30
N VAL B 78 -10.47 -15.22 9.52
CA VAL B 78 -11.15 -14.72 10.70
C VAL B 78 -10.29 -13.61 11.33
N PRO B 79 -10.81 -12.36 11.33
CA PRO B 79 -10.14 -11.23 11.99
C PRO B 79 -10.02 -11.45 13.50
N LEU B 80 -9.04 -10.82 14.12
CA LEU B 80 -8.89 -10.92 15.56
C LEU B 80 -9.72 -9.79 16.16
N ASN B 81 -10.87 -10.14 16.71
CA ASN B 81 -11.79 -9.16 17.31
C ASN B 81 -11.80 -9.25 18.86
N GLU B 82 -12.79 -8.60 19.47
CA GLU B 82 -12.93 -8.48 20.92
C GLU B 82 -13.26 -9.80 21.66
N GLU B 83 -14.16 -10.58 21.09
CA GLU B 83 -14.52 -11.91 21.61
C GLU B 83 -13.34 -12.93 21.65
N ILE B 84 -12.54 -12.97 20.60
CA ILE B 84 -11.35 -13.81 20.59
C ILE B 84 -10.31 -13.30 21.62
N ALA B 85 -10.15 -12.00 21.72
CA ALA B 85 -9.18 -11.40 22.69
C ALA B 85 -9.51 -11.75 24.15
N ILE B 86 -10.79 -11.70 24.49
CA ILE B 86 -11.29 -12.16 25.80
C ILE B 86 -10.88 -13.60 26.08
N LYS B 87 -11.25 -14.46 25.14
CA LYS B 87 -10.89 -15.87 25.21
C LYS B 87 -9.36 -16.04 25.35
N ALA B 88 -8.58 -15.38 24.47
CA ALA B 88 -7.11 -15.52 24.47
C ALA B 88 -6.49 -15.06 25.78
N ALA B 89 -6.98 -13.92 26.31
CA ALA B 89 -6.53 -13.41 27.63
C ALA B 89 -6.77 -14.42 28.75
N GLN B 90 -7.95 -15.04 28.74
CA GLN B 90 -8.32 -16.01 29.78
C GLN B 90 -7.51 -17.28 29.66
N ILE B 91 -7.28 -17.71 28.42
CA ILE B 91 -6.38 -18.84 28.16
C ILE B 91 -4.98 -18.51 28.67
N GLU B 92 -4.42 -17.40 28.21
CA GLU B 92 -3.06 -17.06 28.58
C GLU B 92 -2.89 -16.92 30.10
N ALA B 93 -3.79 -16.20 30.77
CA ALA B 93 -3.69 -16.00 32.22
C ALA B 93 -3.67 -17.35 32.98
N ASP B 94 -4.57 -18.27 32.60
CA ASP B 94 -4.60 -19.63 33.15
C ASP B 94 -3.31 -20.43 32.93
N LEU B 95 -2.78 -20.39 31.70
CA LEU B 95 -1.49 -20.99 31.37
C LEU B 95 -0.38 -20.42 32.24
N ARG B 97 -0.86 -19.04 35.23
CA ARG B 97 -1.09 -19.47 36.62
C ARG B 97 -0.49 -20.85 36.84
N LYS B 98 -0.60 -21.71 35.83
CA LYS B 98 -0.06 -23.07 35.88
C LYS B 98 1.47 -23.14 35.62
N GLY B 99 2.12 -21.98 35.51
CA GLY B 99 3.59 -21.93 35.33
C GLY B 99 4.11 -22.14 33.90
N PRO B 102 3.06 -19.67 27.22
CA PRO B 102 2.58 -19.91 25.84
C PRO B 102 3.06 -18.83 24.85
N ASP B 103 3.36 -19.23 23.62
CA ASP B 103 3.51 -18.28 22.52
C ASP B 103 2.20 -17.52 22.32
N ILE B 104 2.33 -16.25 22.00
CA ILE B 104 1.23 -15.39 21.60
C ILE B 104 0.49 -15.95 20.35
N GLU B 105 1.25 -16.37 19.33
CA GLU B 105 0.68 -16.93 18.13
C GLU B 105 -0.20 -18.14 18.42
N ASP B 106 0.30 -19.06 19.25
CA ASP B 106 -0.48 -20.23 19.65
C ASP B 106 -1.79 -19.89 20.38
N VAL B 107 -1.69 -19.05 21.40
CA VAL B 107 -2.88 -18.75 22.20
C VAL B 107 -3.93 -18.10 21.29
N LEU B 108 -3.49 -17.19 20.40
CA LEU B 108 -4.41 -16.48 19.47
C LEU B 108 -5.00 -17.41 18.40
N THR B 109 -4.20 -18.37 17.99
CA THR B 109 -4.65 -19.37 17.03
C THR B 109 -5.64 -20.33 17.72
N ALA B 110 -5.36 -20.72 18.95
CA ALA B 110 -6.29 -21.56 19.73
C ALA B 110 -7.55 -20.78 20.04
N ALA B 111 -7.41 -19.53 20.50
CA ALA B 111 -8.59 -18.72 20.79
C ALA B 111 -9.53 -18.62 19.58
N THR B 112 -8.98 -18.32 18.40
CA THR B 112 -9.74 -18.23 17.18
C THR B 112 -10.42 -19.57 16.82
N ALA B 113 -9.72 -20.69 17.02
CA ALA B 113 -10.28 -22.01 16.71
C ALA B 113 -11.44 -22.38 17.66
N ILE B 114 -11.28 -22.04 18.94
CA ILE B 114 -12.31 -22.26 19.93
C ILE B 114 -13.52 -21.42 19.58
N TYR B 115 -13.25 -20.22 19.08
CA TYR B 115 -14.27 -19.25 18.76
C TYR B 115 -15.11 -19.64 17.53
N THR B 116 -14.44 -20.02 16.44
CA THR B 116 -15.10 -20.51 15.22
C THR B 116 -15.57 -21.99 15.32
N LYS B 117 -15.32 -22.63 16.47
CA LYS B 117 -15.59 -24.08 16.64
C LYS B 117 -14.97 -24.89 15.48
N SER B 118 -13.65 -24.71 15.28
CA SER B 118 -12.92 -25.39 14.22
C SER B 118 -11.91 -26.35 14.82
N LEU B 119 -11.80 -27.52 14.21
CA LEU B 119 -10.76 -28.46 14.54
C LEU B 119 -9.48 -27.87 14.00
N LEU B 120 -8.49 -27.74 14.89
CA LEU B 120 -7.17 -27.22 14.57
C LEU B 120 -6.23 -28.32 14.08
N ILE B 121 -5.86 -28.26 12.81
CA ILE B 121 -4.90 -29.20 12.21
C ILE B 121 -3.48 -28.60 12.34
N THR B 122 -2.59 -29.32 13.01
CA THR B 122 -1.26 -28.82 13.35
C THR B 122 -0.24 -29.93 13.22
N ASP B 123 0.97 -29.57 12.85
CA ASP B 123 2.08 -30.54 12.84
C ASP B 123 2.71 -30.72 14.24
N ASP B 124 2.31 -29.90 15.21
CA ASP B 124 2.86 -29.93 16.57
C ASP B 124 1.73 -29.76 17.58
N SER B 125 1.00 -30.87 17.77
CA SER B 125 -0.24 -30.91 18.56
C SER B 125 -0.06 -30.61 20.05
N LYS B 126 1.11 -30.95 20.56
CA LYS B 126 1.30 -30.99 22.00
C LYS B 126 1.37 -29.60 22.64
N ARG B 127 1.93 -28.61 21.94
CA ARG B 127 2.01 -27.24 22.47
C ARG B 127 0.64 -26.58 22.69
N TYR B 128 -0.40 -27.17 22.09
CA TYR B 128 -1.78 -26.73 22.23
C TYR B 128 -2.48 -27.52 23.31
N GLU B 129 -1.81 -28.54 23.81
CA GLU B 129 -2.40 -29.48 24.78
C GLU B 129 -2.92 -28.81 26.09
N PRO B 130 -2.13 -27.91 26.70
CA PRO B 130 -2.64 -27.13 27.82
C PRO B 130 -3.92 -26.29 27.56
N ARG B 132 -6.63 -27.61 25.49
CA ARG B 132 -7.70 -28.59 25.46
C ARG B 132 -8.76 -28.29 26.55
N ARG B 133 -8.31 -28.10 27.79
CA ARG B 133 -9.22 -27.79 28.91
C ARG B 133 -10.18 -26.65 28.58
N PHE B 134 -9.81 -25.75 27.65
CA PHE B 134 -10.68 -24.64 27.21
C PHE B 134 -11.64 -24.95 26.04
N GLY B 135 -11.62 -26.18 25.54
CA GLY B 135 -12.56 -26.56 24.48
C GLY B 135 -11.99 -26.60 23.07
N LEU B 136 -10.67 -26.57 22.98
CA LEU B 136 -9.98 -26.70 21.70
C LEU B 136 -9.92 -28.16 21.25
N ASP B 137 -10.41 -28.44 20.05
CA ASP B 137 -10.07 -29.71 19.39
C ASP B 137 -8.86 -29.51 18.47
N THR B 138 -7.94 -30.47 18.52
CA THR B 138 -6.78 -30.51 17.65
C THR B 138 -6.64 -31.88 16.97
N PRO B 140 -3.30 -33.94 14.65
CA PRO B 140 -2.04 -33.98 13.88
C PRO B 140 -2.28 -33.96 12.37
N LEU B 141 -1.47 -33.19 11.67
CA LEU B 141 -1.53 -33.12 10.22
C LEU B 141 -1.41 -34.50 9.58
N ASP B 142 -0.46 -35.33 10.04
CA ASP B 142 -0.30 -36.64 9.39
C ASP B 142 -1.55 -37.53 9.54
N LYS B 143 -2.21 -37.42 10.68
CA LYS B 143 -3.44 -38.13 10.96
C LYS B 143 -4.58 -37.54 10.13
N PHE B 144 -4.58 -36.23 9.94
CA PHE B 144 -5.61 -35.62 9.16
C PHE B 144 -5.52 -36.04 7.70
N VAL B 145 -4.32 -36.11 7.18
CA VAL B 145 -4.04 -36.58 5.81
C VAL B 145 -4.53 -38.02 5.61
N LYS B 146 -4.31 -38.86 6.62
CA LYS B 146 -4.77 -40.24 6.61
C LYS B 146 -6.30 -40.33 6.65
N GLU B 147 -6.94 -39.47 7.43
CA GLU B 147 -8.39 -39.44 7.48
C GLU B 147 -9.04 -39.00 6.16
N VAL B 148 -8.42 -38.07 5.45
CA VAL B 148 -9.00 -37.56 4.22
C VAL B 148 -8.98 -38.65 3.11
N GLU B 149 -7.87 -39.37 3.00
CA GLU B 149 -7.76 -40.49 2.07
C GLU B 149 -8.72 -41.63 2.39
N LEU B 150 -8.90 -41.96 3.66
CA LEU B 150 -9.88 -42.94 4.12
C LEU B 150 -11.29 -42.59 3.67
N VAL B 152 -12.25 -40.90 1.06
CA VAL B 152 -12.38 -41.19 -0.37
C VAL B 152 -12.61 -42.69 -0.55
N GLU B 153 -11.86 -43.52 0.20
CA GLU B 153 -12.05 -44.99 0.21
C GLU B 153 -13.43 -45.37 0.68
N LYS B 154 -13.92 -44.66 1.69
CA LYS B 154 -15.23 -44.99 2.26
C LYS B 154 -16.35 -44.35 1.47
N GLU B 155 -16.01 -43.78 0.33
CA GLU B 155 -16.99 -43.13 -0.57
C GLU B 155 -17.78 -42.00 0.09
N LEU B 156 -17.10 -41.26 0.92
CA LEU B 156 -17.65 -40.07 1.53
C LEU B 156 -16.98 -38.91 0.77
N LEU C 11 -10.50 5.47 5.08
CA LEU C 11 -9.77 5.08 6.35
C LEU C 11 -8.31 4.54 6.34
N PRO C 12 -7.79 4.06 5.19
CA PRO C 12 -6.33 3.70 5.20
C PRO C 12 -5.42 4.93 5.28
N PRO C 13 -4.11 4.75 5.62
CA PRO C 13 -3.23 5.91 5.87
C PRO C 13 -2.73 6.64 4.61
N ASP C 14 -2.74 5.96 3.46
CA ASP C 14 -2.14 6.47 2.22
C ASP C 14 -3.24 6.61 1.16
N ILE C 15 -3.39 7.80 0.57
CA ILE C 15 -4.44 8.04 -0.43
C ILE C 15 -3.90 8.85 -1.60
N THR C 16 -4.70 8.98 -2.65
CA THR C 16 -4.33 9.80 -3.76
C THR C 16 -5.59 10.25 -4.47
N PHE C 17 -5.42 11.18 -5.42
CA PHE C 17 -6.52 11.80 -6.15
C PHE C 17 -6.11 11.79 -7.58
N ASP C 18 -7.06 11.66 -8.49
CA ASP C 18 -6.77 11.99 -9.88
C ASP C 18 -6.79 13.48 -10.03
N SER C 19 -6.53 13.97 -11.22
CA SER C 19 -6.34 15.39 -11.43
C SER C 19 -7.65 16.19 -11.26
N LEU C 20 -8.76 15.67 -11.76
CA LEU C 20 -10.08 16.29 -11.51
C LEU C 20 -10.54 16.26 -10.05
N ALA C 21 -10.20 15.21 -9.31
CA ALA C 21 -10.50 15.16 -7.88
C ALA C 21 -9.61 16.15 -7.14
N LEU C 22 -8.36 16.33 -7.60
CA LEU C 22 -7.44 17.23 -6.92
C LEU C 22 -7.89 18.69 -7.06
N ILE C 23 -8.28 19.06 -8.27
CA ILE C 23 -8.92 20.33 -8.61
C ILE C 23 -10.04 20.70 -7.62
N LYS C 24 -10.97 19.77 -7.40
CA LYS C 24 -12.08 20.00 -6.45
C LYS C 24 -11.59 20.16 -5.02
N HIS C 26 -9.00 21.38 -3.93
CA HIS C 26 -8.35 22.66 -3.74
C HIS C 26 -9.28 23.82 -3.98
N SER C 27 -10.51 23.54 -4.37
CA SER C 27 -11.54 24.58 -4.48
C SER C 27 -11.89 25.18 -3.10
N GLN C 28 -12.55 26.34 -3.16
CA GLN C 28 -12.93 27.14 -1.99
C GLN C 28 -13.82 26.32 -1.08
N SER C 29 -14.86 25.72 -1.65
CA SER C 29 -15.79 24.87 -0.89
C SER C 29 -15.09 23.82 -0.02
N LYS C 31 -12.00 23.76 1.37
CA LYS C 31 -10.87 24.26 2.14
C LYS C 31 -10.66 23.51 3.49
N LYS C 32 -11.74 23.28 4.22
CA LYS C 32 -11.67 22.60 5.54
C LYS C 32 -11.41 21.10 5.39
N ILE C 33 -12.11 20.48 4.45
CA ILE C 33 -11.87 19.09 4.09
C ILE C 33 -10.39 18.86 3.74
N LEU C 34 -9.89 19.70 2.83
CA LEU C 34 -8.50 19.67 2.43
C LEU C 34 -7.56 19.70 3.65
N GLU C 35 -7.77 20.67 4.52
CA GLU C 35 -7.00 20.84 5.76
C GLU C 35 -7.11 19.60 6.66
N ILE C 36 -8.28 18.99 6.73
CA ILE C 36 -8.42 17.78 7.55
C ILE C 36 -7.69 16.59 6.90
N THR C 37 -7.77 16.49 5.58
CA THR C 37 -7.15 15.39 4.85
C THR C 37 -5.64 15.35 5.11
N LEU C 38 -5.01 16.52 5.16
CA LEU C 38 -3.57 16.61 5.23
C LEU C 38 -3.00 16.26 6.61
N ALA C 39 -3.83 16.45 7.64
CA ALA C 39 -3.46 16.09 9.00
C ALA C 39 -3.78 14.63 9.28
N LYS C 40 -4.84 14.13 8.67
CA LYS C 40 -5.25 12.76 8.86
C LYS C 40 -4.63 11.72 7.92
N PHE C 41 -4.13 12.16 6.76
CA PHE C 41 -3.66 11.18 5.74
C PHE C 41 -2.35 11.55 5.10
N THR C 42 -1.73 10.56 4.48
CA THR C 42 -0.61 10.81 3.60
C THR C 42 -1.14 10.75 2.17
N VAL C 43 -0.85 11.80 1.39
CA VAL C 43 -1.33 11.89 0.02
C VAL C 43 -0.17 11.76 -0.95
N ASN C 44 -0.23 10.68 -1.73
CA ASN C 44 0.80 10.32 -2.66
C ASN C 44 0.30 10.60 -4.04
N LEU C 45 0.81 11.69 -4.61
CA LEU C 45 0.34 12.18 -5.90
C LEU C 45 1.36 11.82 -6.98
N SER C 46 0.88 11.27 -8.09
CA SER C 46 1.71 10.99 -9.26
C SER C 46 2.06 12.35 -9.86
N ILE C 47 3.32 12.51 -10.26
CA ILE C 47 3.75 13.67 -11.05
C ILE C 47 2.86 13.91 -12.28
N VAL C 48 2.20 12.87 -12.78
CA VAL C 48 1.29 13.03 -13.94
C VAL C 48 0.06 13.80 -13.52
N THR C 49 -0.47 13.45 -12.35
CA THR C 49 -1.63 14.12 -11.79
C THR C 49 -1.32 15.59 -11.51
N VAL C 50 -0.16 15.82 -10.94
CA VAL C 50 0.36 17.14 -10.65
C VAL C 50 0.46 18.01 -11.93
N TYR C 51 0.98 17.43 -13.00
CA TYR C 51 1.14 18.20 -14.25
C TYR C 51 -0.20 18.56 -14.85
N ARG C 52 -1.18 17.66 -14.77
CA ARG C 52 -2.52 17.94 -15.30
C ARG C 52 -3.23 18.96 -14.44
N TYR C 53 -3.05 18.85 -13.14
CA TYR C 53 -3.57 19.88 -12.23
C TYR C 53 -2.96 21.27 -12.61
N LEU C 54 -1.63 21.34 -12.80
CA LEU C 54 -0.93 22.59 -13.07
C LEU C 54 -1.29 23.20 -14.41
N THR C 55 -1.71 22.36 -15.36
CA THR C 55 -2.21 22.77 -16.67
C THR C 55 -3.47 23.61 -16.49
N VAL C 56 -4.39 23.12 -15.64
CA VAL C 56 -5.63 23.85 -15.40
C VAL C 56 -5.29 25.21 -14.76
N ARG C 57 -4.38 25.19 -13.80
CA ARG C 57 -3.98 26.38 -13.08
C ARG C 57 -3.28 27.36 -14.03
N ALA C 58 -2.44 26.85 -14.92
CA ALA C 58 -1.71 27.71 -15.84
C ALA C 58 -2.67 28.31 -16.84
N TYR C 59 -3.64 27.53 -17.30
CA TYR C 59 -4.74 28.03 -18.13
C TYR C 59 -5.53 29.19 -17.46
N LEU C 60 -5.62 29.18 -16.14
CA LEU C 60 -6.30 30.25 -15.40
C LEU C 60 -5.31 31.36 -15.04
N LYS C 61 -4.13 31.34 -15.69
CA LYS C 61 -3.11 32.40 -15.55
C LYS C 61 -2.59 32.53 -14.12
N LYS C 62 -2.60 31.41 -13.40
CA LYS C 62 -2.03 31.33 -12.07
C LYS C 62 -0.51 31.15 -12.13
N ASN C 63 0.08 31.25 -10.96
CA ASN C 63 1.49 31.19 -10.79
C ASN C 63 1.83 29.76 -10.41
N ILE C 64 2.24 28.95 -11.41
CA ILE C 64 2.32 27.49 -11.21
C ILE C 64 3.59 27.03 -10.54
N GLU C 65 4.67 27.81 -10.67
CA GLU C 65 5.91 27.50 -9.95
C GLU C 65 5.70 27.68 -8.45
N LEU C 66 5.01 28.76 -8.08
CA LEU C 66 4.74 29.07 -6.66
C LEU C 66 3.80 28.02 -6.08
N GLU C 67 2.68 27.78 -6.76
CA GLU C 67 1.74 26.72 -6.39
C GLU C 67 2.39 25.33 -6.27
N LEU C 68 3.28 24.97 -7.20
CA LEU C 68 4.03 23.72 -7.14
C LEU C 68 4.89 23.61 -5.88
N ASP C 69 5.56 24.70 -5.52
CA ASP C 69 6.37 24.74 -4.28
C ASP C 69 5.54 24.44 -3.01
N VAL C 70 4.26 24.83 -3.00
CA VAL C 70 3.33 24.51 -1.91
C VAL C 70 2.87 23.02 -1.95
N LEU C 71 2.54 22.52 -3.15
CA LEU C 71 2.17 21.12 -3.36
C LEU C 71 3.28 20.16 -2.93
N LYS C 72 4.52 20.55 -3.19
CA LYS C 72 5.69 19.76 -2.81
C LYS C 72 5.84 19.55 -1.32
N ASP C 73 5.42 20.54 -0.52
CA ASP C 73 5.56 20.44 0.95
C ASP C 73 4.38 19.73 1.62
N ILE C 74 3.20 19.79 1.01
CA ILE C 74 2.03 19.16 1.61
C ILE C 74 1.78 17.75 1.05
N TYR C 75 2.33 17.47 -0.14
CA TYR C 75 2.10 16.18 -0.76
C TYR C 75 3.38 15.47 -1.00
N ASN C 76 3.31 14.15 -1.05
CA ASN C 76 4.36 13.31 -1.60
C ASN C 76 4.16 13.21 -3.10
N ILE C 77 4.95 13.95 -3.86
CA ILE C 77 4.86 13.89 -5.33
C ILE C 77 5.78 12.80 -5.88
N VAL C 78 5.16 11.85 -6.59
CA VAL C 78 5.86 10.63 -6.99
C VAL C 78 6.24 10.70 -8.47
N PRO C 79 7.55 10.77 -8.77
CA PRO C 79 8.02 10.78 -10.15
C PRO C 79 7.64 9.51 -10.90
N LEU C 80 7.58 9.65 -12.22
CA LEU C 80 7.34 8.55 -13.11
C LEU C 80 8.70 7.88 -13.33
N ASN C 81 8.96 6.86 -12.54
CA ASN C 81 10.24 6.21 -12.55
C ASN C 81 10.11 4.84 -13.21
N GLU C 82 11.26 4.18 -13.37
CA GLU C 82 11.38 2.85 -13.99
C GLU C 82 10.40 1.83 -13.49
N GLU C 83 10.29 1.71 -12.17
CA GLU C 83 9.44 0.71 -11.52
C GLU C 83 7.96 0.94 -11.85
N ILE C 84 7.54 2.20 -11.86
CA ILE C 84 6.18 2.54 -12.23
C ILE C 84 5.95 2.28 -13.73
N ALA C 85 6.90 2.67 -14.57
CA ALA C 85 6.76 2.52 -16.02
C ALA C 85 6.50 1.04 -16.38
N ILE C 86 7.20 0.13 -15.71
CA ILE C 86 7.02 -1.32 -15.88
C ILE C 86 5.65 -1.82 -15.45
N LYS C 87 5.14 -1.32 -14.33
CA LYS C 87 3.79 -1.71 -13.94
C LYS C 87 2.72 -1.15 -14.87
N ALA C 88 2.87 0.12 -15.25
CA ALA C 88 1.97 0.75 -16.17
C ALA C 88 1.94 -0.05 -17.46
N ALA C 89 3.11 -0.49 -17.89
CA ALA C 89 3.20 -1.20 -19.15
C ALA C 89 2.50 -2.55 -19.07
N GLN C 90 2.66 -3.25 -17.95
CA GLN C 90 2.03 -4.57 -17.77
C GLN C 90 0.54 -4.44 -17.75
N ILE C 91 0.06 -3.41 -17.07
CA ILE C 91 -1.37 -3.17 -16.92
C ILE C 91 -1.98 -2.83 -18.25
N GLU C 92 -1.38 -1.88 -18.96
CA GLU C 92 -1.97 -1.43 -20.23
C GLU C 92 -1.99 -2.54 -21.30
N ALA C 93 -0.91 -3.29 -21.39
CA ALA C 93 -0.81 -4.40 -22.37
C ALA C 93 -1.89 -5.43 -22.07
N ASP C 94 -2.05 -5.77 -20.79
CA ASP C 94 -3.10 -6.71 -20.37
C ASP C 94 -4.53 -6.23 -20.71
N LEU C 95 -4.80 -4.96 -20.46
CA LEU C 95 -6.02 -4.30 -20.92
C LEU C 95 -6.19 -4.34 -22.44
N ARG C 97 -4.88 -6.51 -24.53
CA ARG C 97 -5.14 -7.90 -24.86
C ARG C 97 -6.63 -8.24 -24.74
N LYS C 98 -7.34 -7.53 -23.85
CA LYS C 98 -8.80 -7.71 -23.71
C LYS C 98 -9.62 -6.76 -24.61
N GLY C 99 -8.95 -6.13 -25.55
CA GLY C 99 -9.64 -5.22 -26.48
C GLY C 99 -9.88 -3.79 -26.00
N PRO C 102 -7.07 2.03 -22.78
CA PRO C 102 -7.19 2.94 -21.64
C PRO C 102 -6.44 4.25 -21.90
N ASP C 103 -6.91 5.36 -21.32
CA ASP C 103 -6.19 6.64 -21.38
C ASP C 103 -4.87 6.63 -20.57
N ILE C 104 -3.86 7.29 -21.13
CA ILE C 104 -2.52 7.30 -20.58
C ILE C 104 -2.51 7.81 -19.12
N GLU C 105 -3.29 8.85 -18.84
CA GLU C 105 -3.33 9.45 -17.54
C GLU C 105 -3.91 8.48 -16.51
N ASP C 106 -4.98 7.77 -16.86
CA ASP C 106 -5.57 6.70 -16.02
C ASP C 106 -4.60 5.56 -15.70
N VAL C 107 -3.88 5.06 -16.70
CA VAL C 107 -2.95 3.96 -16.48
C VAL C 107 -1.83 4.42 -15.58
N LEU C 108 -1.31 5.63 -15.82
CA LEU C 108 -0.16 6.11 -15.07
C LEU C 108 -0.53 6.49 -13.62
N THR C 109 -1.71 7.05 -13.47
CA THR C 109 -2.33 7.32 -12.17
C THR C 109 -2.55 6.03 -11.40
N ALA C 110 -3.21 5.07 -12.04
CA ALA C 110 -3.47 3.76 -11.43
C ALA C 110 -2.20 2.99 -11.08
N ALA C 111 -1.20 3.00 -11.96
CA ALA C 111 0.05 2.30 -11.69
C ALA C 111 0.81 2.90 -10.51
N THR C 112 0.82 4.23 -10.41
CA THR C 112 1.48 4.94 -9.31
C THR C 112 0.81 4.64 -7.97
N ALA C 113 -0.52 4.55 -7.98
CA ALA C 113 -1.31 4.26 -6.79
C ALA C 113 -1.13 2.82 -6.30
N ILE C 114 -0.98 1.89 -7.24
CA ILE C 114 -0.66 0.50 -6.91
C ILE C 114 0.77 0.43 -6.33
N TYR C 115 1.71 1.05 -6.99
CA TYR C 115 3.07 1.09 -6.49
C TYR C 115 3.18 1.74 -5.10
N THR C 116 2.47 2.85 -4.87
CA THR C 116 2.48 3.52 -3.55
C THR C 116 1.54 2.90 -2.50
N LYS C 117 0.66 2.01 -2.94
CA LYS C 117 -0.38 1.43 -2.07
C LYS C 117 -1.34 2.52 -1.52
N SER C 118 -1.79 3.40 -2.40
CA SER C 118 -2.69 4.48 -2.05
C SER C 118 -4.08 4.20 -2.60
N LEU C 119 -5.10 4.47 -1.77
CA LEU C 119 -6.48 4.54 -2.19
C LEU C 119 -6.71 5.74 -3.09
N LEU C 120 -7.22 5.49 -4.29
CA LEU C 120 -7.44 6.52 -5.28
C LEU C 120 -8.84 7.04 -5.11
N ILE C 121 -8.91 8.34 -4.81
CA ILE C 121 -10.16 8.98 -4.58
C ILE C 121 -10.49 9.72 -5.87
N THR C 122 -11.68 9.46 -6.40
CA THR C 122 -12.05 9.98 -7.69
C THR C 122 -13.55 10.13 -7.84
N ASP C 123 -13.98 11.07 -8.67
CA ASP C 123 -15.36 11.14 -9.08
C ASP C 123 -15.73 10.15 -10.21
N ASP C 124 -14.76 9.43 -10.76
CA ASP C 124 -15.11 8.53 -11.86
C ASP C 124 -14.53 7.14 -11.62
N SER C 125 -15.08 6.46 -10.61
CA SER C 125 -14.63 5.16 -10.20
C SER C 125 -14.82 4.07 -11.28
N LYS C 126 -15.82 4.23 -12.14
CA LYS C 126 -16.03 3.23 -13.24
C LYS C 126 -14.88 3.24 -14.25
N ARG C 127 -14.41 4.43 -14.61
CA ARG C 127 -13.24 4.61 -15.45
C ARG C 127 -12.10 3.67 -15.03
N TYR C 128 -11.88 3.58 -13.72
CA TYR C 128 -10.75 2.82 -13.19
C TYR C 128 -10.99 1.36 -12.84
N GLU C 129 -12.24 0.89 -12.96
CA GLU C 129 -12.60 -0.45 -12.51
C GLU C 129 -11.84 -1.60 -13.23
N PRO C 130 -11.58 -1.47 -14.57
CA PRO C 130 -10.67 -2.43 -15.26
C PRO C 130 -9.31 -2.66 -14.61
N ARG C 132 -8.82 -2.72 -11.09
CA ARG C 132 -8.92 -3.31 -9.76
C ARG C 132 -8.20 -4.66 -9.66
N ARG C 133 -8.31 -5.50 -10.69
CA ARG C 133 -7.66 -6.84 -10.72
C ARG C 133 -6.15 -6.78 -10.57
N PHE C 134 -5.57 -5.61 -10.85
CA PHE C 134 -4.13 -5.43 -10.68
C PHE C 134 -3.78 -4.94 -9.26
N GLY C 135 -4.81 -4.71 -8.45
CA GLY C 135 -4.60 -4.33 -7.04
C GLY C 135 -5.03 -2.89 -6.75
N LEU C 136 -5.59 -2.19 -7.74
CA LEU C 136 -5.99 -0.80 -7.55
C LEU C 136 -7.20 -0.75 -6.62
N ASP C 137 -7.11 0.04 -5.54
CA ASP C 137 -8.27 0.37 -4.71
C ASP C 137 -8.77 1.77 -5.05
N THR C 138 -10.08 1.93 -5.23
CA THR C 138 -10.66 3.24 -5.40
C THR C 138 -11.76 3.51 -4.35
N PRO C 140 -15.10 6.69 -4.16
CA PRO C 140 -15.63 7.92 -4.76
C PRO C 140 -15.28 9.15 -3.90
N LEU C 141 -15.04 10.30 -4.55
CA LEU C 141 -14.72 11.52 -3.84
C LEU C 141 -15.87 11.99 -2.95
N ASP C 142 -17.12 11.88 -3.42
CA ASP C 142 -18.31 12.19 -2.62
C ASP C 142 -18.34 11.42 -1.32
N LYS C 143 -18.19 10.10 -1.39
CA LYS C 143 -18.13 9.25 -0.20
C LYS C 143 -16.98 9.63 0.70
N PHE C 144 -15.82 9.92 0.12
CA PHE C 144 -14.63 10.30 0.94
C PHE C 144 -14.89 11.60 1.70
N VAL C 145 -15.43 12.60 1.00
CA VAL C 145 -15.73 13.90 1.56
C VAL C 145 -16.70 13.75 2.76
N LYS C 146 -17.72 12.93 2.58
CA LYS C 146 -18.75 12.76 3.60
C LYS C 146 -18.22 12.08 4.85
N GLU C 147 -17.26 11.19 4.66
CA GLU C 147 -16.62 10.50 5.76
C GLU C 147 -15.73 11.46 6.58
N VAL C 148 -15.02 12.34 5.89
CA VAL C 148 -14.24 13.41 6.52
C VAL C 148 -15.16 14.35 7.32
N GLU C 149 -16.24 14.81 6.67
CA GLU C 149 -17.22 15.67 7.31
C GLU C 149 -17.86 15.01 8.54
N LEU C 150 -18.07 13.69 8.48
CA LEU C 150 -18.60 12.94 9.63
C LEU C 150 -17.67 12.96 10.85
N VAL C 152 -15.66 15.25 11.53
CA VAL C 152 -15.71 16.64 12.04
C VAL C 152 -16.98 16.91 12.83
N GLU C 153 -18.11 16.43 12.30
CA GLU C 153 -19.39 16.56 12.97
C GLU C 153 -19.37 15.86 14.34
N LYS C 154 -18.88 14.63 14.39
CA LYS C 154 -18.79 13.87 15.64
C LYS C 154 -17.92 14.55 16.68
N GLU C 155 -16.81 15.14 16.24
CA GLU C 155 -15.89 15.86 17.11
C GLU C 155 -16.42 17.18 17.65
N LEU C 156 -17.13 17.94 16.82
CA LEU C 156 -17.58 19.25 17.19
C LEU C 156 -19.02 19.21 17.73
N LEU D 11 23.09 17.07 -36.52
CA LEU D 11 24.36 17.75 -36.08
C LEU D 11 24.64 17.67 -34.56
N PRO D 12 23.64 17.96 -33.70
CA PRO D 12 23.91 18.08 -32.25
C PRO D 12 24.18 16.72 -31.55
N PRO D 13 25.08 16.72 -30.54
CA PRO D 13 25.34 15.44 -29.82
C PRO D 13 24.13 14.89 -29.06
N ASP D 14 23.19 15.77 -28.67
CA ASP D 14 22.03 15.37 -27.88
C ASP D 14 20.77 15.12 -28.71
N ILE D 15 20.28 13.89 -28.70
CA ILE D 15 19.07 13.59 -29.46
C ILE D 15 18.04 12.75 -28.66
N THR D 16 16.84 12.63 -29.20
CA THR D 16 15.82 11.80 -28.59
C THR D 16 14.87 11.36 -29.68
N PHE D 17 14.11 10.31 -29.36
CA PHE D 17 13.13 9.76 -30.27
C PHE D 17 11.81 9.71 -29.58
N ASP D 18 10.75 9.81 -30.36
CA ASP D 18 9.43 9.54 -29.79
C ASP D 18 9.14 8.05 -30.02
N SER D 19 7.92 7.63 -29.69
CA SER D 19 7.65 6.20 -29.53
C SER D 19 7.74 5.43 -30.85
N LEU D 20 7.12 5.94 -31.90
CA LEU D 20 7.20 5.29 -33.19
C LEU D 20 8.62 5.26 -33.71
N ALA D 21 9.33 6.38 -33.56
CA ALA D 21 10.71 6.49 -34.06
C ALA D 21 11.59 5.46 -33.39
N LEU D 22 11.47 5.33 -32.06
CA LEU D 22 12.18 4.31 -31.30
C LEU D 22 11.92 2.88 -31.83
N ILE D 23 10.63 2.51 -32.02
CA ILE D 23 10.25 1.24 -32.66
C ILE D 23 10.96 1.00 -34.01
N LYS D 24 11.02 2.01 -34.85
CA LYS D 24 11.62 1.87 -36.19
C LYS D 24 13.15 1.82 -36.12
N HIS D 26 14.61 0.38 -33.76
CA HIS D 26 14.90 -0.94 -33.22
C HIS D 26 14.67 -2.08 -34.19
N SER D 27 14.20 -1.75 -35.40
CA SER D 27 13.87 -2.76 -36.41
C SER D 27 15.11 -3.33 -37.11
N GLN D 28 14.91 -4.49 -37.75
CA GLN D 28 15.98 -5.17 -38.48
C GLN D 28 16.67 -4.28 -39.51
N SER D 29 15.90 -3.53 -40.30
CA SER D 29 16.48 -2.73 -41.37
C SER D 29 17.39 -1.61 -40.85
N LYS D 31 19.37 -1.61 -38.12
CA LYS D 31 20.45 -2.08 -37.24
C LYS D 31 21.75 -1.28 -37.41
N LYS D 32 22.15 -1.04 -38.66
CA LYS D 32 23.36 -0.27 -38.94
C LYS D 32 23.22 1.20 -38.51
N ILE D 33 22.09 1.83 -38.86
CA ILE D 33 21.81 3.21 -38.47
C ILE D 33 21.81 3.36 -36.94
N LEU D 34 21.18 2.41 -36.24
CA LEU D 34 21.20 2.38 -34.79
C LEU D 34 22.62 2.24 -34.25
N GLU D 35 23.40 1.33 -34.83
CA GLU D 35 24.84 1.17 -34.52
C GLU D 35 25.58 2.52 -34.57
N ILE D 36 25.47 3.25 -35.69
CA ILE D 36 26.17 4.57 -35.84
C ILE D 36 25.57 5.66 -34.92
N THR D 37 24.28 5.53 -34.61
CA THR D 37 23.57 6.45 -33.72
C THR D 37 24.06 6.36 -32.28
N LEU D 38 24.22 5.13 -31.78
CA LEU D 38 24.71 4.93 -30.41
C LEU D 38 26.21 5.26 -30.17
N ALA D 39 27.01 5.23 -31.23
CA ALA D 39 28.42 5.66 -31.17
C ALA D 39 28.59 7.18 -31.26
N LYS D 40 27.70 7.85 -32.00
CA LYS D 40 27.86 9.29 -32.34
C LYS D 40 27.09 10.24 -31.35
N PHE D 41 25.92 9.78 -30.90
CA PHE D 41 24.97 10.64 -30.20
C PHE D 41 24.70 10.20 -28.75
N THR D 42 24.33 11.17 -27.90
CA THR D 42 23.70 10.84 -26.62
C THR D 42 22.17 10.88 -26.80
N VAL D 43 21.52 9.73 -26.56
CA VAL D 43 20.07 9.62 -26.70
C VAL D 43 19.31 9.68 -25.36
N ASN D 44 18.60 10.79 -25.19
CA ASN D 44 17.92 11.11 -23.95
C ASN D 44 16.45 10.78 -24.05
N LEU D 45 16.08 9.55 -23.66
CA LEU D 45 14.72 9.07 -23.86
C LEU D 45 13.84 9.40 -22.67
N SER D 46 12.68 10.00 -22.94
CA SER D 46 11.67 10.21 -21.89
C SER D 46 11.23 8.88 -21.35
N ILE D 47 11.04 8.79 -20.04
CA ILE D 47 10.43 7.61 -19.40
C ILE D 47 9.04 7.30 -19.97
N VAL D 48 8.41 8.32 -20.55
CA VAL D 48 7.12 8.20 -21.20
C VAL D 48 7.25 7.45 -22.53
N THR D 49 8.32 7.73 -23.27
CA THR D 49 8.63 7.03 -24.51
C THR D 49 8.90 5.59 -24.17
N VAL D 50 9.69 5.37 -23.12
CA VAL D 50 10.03 4.03 -22.60
C VAL D 50 8.78 3.20 -22.15
N TYR D 51 7.91 3.83 -21.36
CA TYR D 51 6.68 3.17 -20.90
C TYR D 51 5.82 2.75 -22.11
N ARG D 52 5.63 3.65 -23.08
CA ARG D 52 4.89 3.35 -24.31
C ARG D 52 5.52 2.18 -25.10
N TYR D 53 6.84 2.21 -25.27
CA TYR D 53 7.61 1.12 -25.90
C TYR D 53 7.45 -0.20 -25.15
N LEU D 54 7.54 -0.16 -23.81
CA LEU D 54 7.44 -1.37 -23.02
C LEU D 54 6.06 -1.97 -23.09
N THR D 55 5.07 -1.10 -23.32
CA THR D 55 3.67 -1.50 -23.39
C THR D 55 3.42 -2.41 -24.58
N VAL D 56 3.95 -2.03 -25.74
CA VAL D 56 3.76 -2.81 -26.94
C VAL D 56 4.58 -4.12 -26.87
N ARG D 57 5.75 -4.09 -26.23
CA ARG D 57 6.51 -5.31 -25.94
C ARG D 57 5.76 -6.26 -24.98
N ALA D 58 5.19 -5.73 -23.90
CA ALA D 58 4.38 -6.58 -22.98
C ALA D 58 3.13 -7.15 -23.63
N TYR D 59 2.53 -6.41 -24.55
CA TYR D 59 1.40 -6.92 -25.32
C TYR D 59 1.79 -8.13 -26.18
N LEU D 60 3.06 -8.17 -26.60
CA LEU D 60 3.60 -9.32 -27.34
C LEU D 60 4.15 -10.33 -26.34
N LYS D 61 3.85 -10.11 -25.06
CA LYS D 61 4.26 -11.02 -23.96
C LYS D 61 5.79 -11.18 -23.80
N LYS D 62 6.54 -10.14 -24.17
CA LYS D 62 7.96 -10.09 -23.86
C LYS D 62 8.14 -9.77 -22.37
N ASN D 63 9.28 -10.22 -21.83
CA ASN D 63 9.67 -9.88 -20.48
C ASN D 63 10.25 -8.48 -20.47
N ILE D 64 9.48 -7.53 -19.96
CA ILE D 64 9.87 -6.14 -20.10
C ILE D 64 10.91 -5.73 -19.06
N GLU D 65 11.00 -6.46 -17.97
CA GLU D 65 12.16 -6.34 -17.09
C GLU D 65 13.49 -6.57 -17.87
N LEU D 66 13.56 -7.64 -18.66
CA LEU D 66 14.72 -7.92 -19.50
C LEU D 66 14.90 -6.83 -20.55
N GLU D 67 13.80 -6.38 -21.12
CA GLU D 67 13.85 -5.37 -22.16
C GLU D 67 14.21 -4.01 -21.61
N LEU D 68 13.73 -3.67 -20.40
CA LEU D 68 14.10 -2.40 -19.77
C LEU D 68 15.61 -2.32 -19.50
N ASP D 69 16.18 -3.42 -19.01
CA ASP D 69 17.63 -3.55 -18.81
C ASP D 69 18.46 -3.24 -20.08
N VAL D 70 18.05 -3.72 -21.24
CA VAL D 70 18.69 -3.32 -22.52
C VAL D 70 18.61 -1.80 -22.81
N LEU D 71 17.41 -1.23 -22.64
CA LEU D 71 17.23 0.20 -22.87
C LEU D 71 18.05 0.98 -21.86
N LYS D 72 18.11 0.47 -20.62
CA LYS D 72 18.88 1.17 -19.56
C LYS D 72 20.34 1.35 -19.92
N ASP D 73 20.90 0.33 -20.60
CA ASP D 73 22.31 0.33 -20.95
C ASP D 73 22.61 1.23 -22.14
N ILE D 74 21.69 1.33 -23.09
CA ILE D 74 21.99 2.10 -24.31
C ILE D 74 21.44 3.54 -24.34
N TYR D 75 20.43 3.81 -23.54
CA TYR D 75 19.82 5.12 -23.53
C TYR D 75 19.93 5.83 -22.17
N ASN D 76 20.01 7.16 -22.20
CA ASN D 76 19.80 7.92 -20.99
C ASN D 76 18.29 8.06 -20.84
N ILE D 77 17.72 7.39 -19.84
CA ILE D 77 16.27 7.41 -19.60
C ILE D 77 15.94 8.54 -18.65
N VAL D 78 15.02 9.42 -19.07
CA VAL D 78 14.78 10.69 -18.35
C VAL D 78 13.46 10.68 -17.58
N PRO D 79 13.52 10.57 -16.24
CA PRO D 79 12.28 10.59 -15.47
C PRO D 79 11.47 11.89 -15.70
N LEU D 80 10.14 11.78 -15.59
CA LEU D 80 9.24 12.91 -15.54
C LEU D 80 9.31 13.54 -14.15
N ASN D 81 9.96 14.69 -14.06
CA ASN D 81 10.17 15.35 -12.77
C ASN D 81 9.43 16.69 -12.71
N GLU D 82 9.65 17.44 -11.62
CA GLU D 82 8.94 18.70 -11.34
C GLU D 82 9.20 19.75 -12.40
N GLU D 83 10.45 19.88 -12.84
CA GLU D 83 10.79 20.86 -13.87
C GLU D 83 10.11 20.58 -15.20
N ILE D 84 10.08 19.30 -15.63
CA ILE D 84 9.41 18.90 -16.85
C ILE D 84 7.92 19.12 -16.70
N ALA D 85 7.39 18.86 -15.51
CA ALA D 85 5.94 18.94 -15.30
C ALA D 85 5.42 20.37 -15.46
N ILE D 86 6.19 21.34 -14.94
CA ILE D 86 5.94 22.79 -15.10
C ILE D 86 5.96 23.18 -16.59
N LYS D 87 7.04 22.86 -17.29
CA LYS D 87 7.14 23.16 -18.70
C LYS D 87 5.99 22.52 -19.52
N ALA D 88 5.59 21.29 -19.19
CA ALA D 88 4.50 20.63 -19.89
C ALA D 88 3.18 21.29 -19.62
N ALA D 89 2.96 21.67 -18.37
CA ALA D 89 1.76 22.39 -17.97
C ALA D 89 1.66 23.70 -18.77
N GLN D 90 2.76 24.49 -18.77
CA GLN D 90 2.81 25.76 -19.55
C GLN D 90 2.57 25.55 -21.04
N ILE D 91 3.26 24.57 -21.63
CA ILE D 91 3.06 24.22 -23.03
C ILE D 91 1.60 23.88 -23.28
N GLU D 92 1.06 22.98 -22.48
CA GLU D 92 -0.30 22.52 -22.67
C GLU D 92 -1.30 23.64 -22.48
N ALA D 93 -1.17 24.43 -21.43
CA ALA D 93 -2.14 25.52 -21.19
C ALA D 93 -2.16 26.50 -22.35
N ASP D 94 -0.96 26.92 -22.79
CA ASP D 94 -0.79 27.84 -23.92
C ASP D 94 -1.41 27.27 -25.18
N LEU D 95 -1.10 26.02 -25.48
CA LEU D 95 -1.63 25.37 -26.66
C LEU D 95 -3.16 25.32 -26.60
N ARG D 97 -5.17 27.52 -24.89
CA ARG D 97 -5.67 28.91 -25.03
C ARG D 97 -5.68 29.33 -26.50
N LYS D 98 -4.83 28.68 -27.31
CA LYS D 98 -4.76 28.89 -28.75
C LYS D 98 -5.64 27.94 -29.55
N GLY D 99 -6.59 27.30 -28.88
CA GLY D 99 -7.61 26.49 -29.54
C GLY D 99 -7.10 25.15 -30.06
N PRO D 102 -3.47 19.17 -27.63
CA PRO D 102 -2.37 18.21 -27.84
C PRO D 102 -2.55 16.92 -27.05
N ASP D 103 -2.00 15.83 -27.60
CA ASP D 103 -1.87 14.60 -26.87
C ASP D 103 -0.94 14.87 -25.69
N ILE D 104 -1.26 14.23 -24.56
CA ILE D 104 -0.43 14.24 -23.35
C ILE D 104 0.96 13.60 -23.56
N GLU D 105 0.99 12.44 -24.20
CA GLU D 105 2.25 11.86 -24.57
C GLU D 105 3.14 12.82 -25.37
N ASP D 106 2.57 13.58 -26.31
CA ASP D 106 3.34 14.52 -27.18
C ASP D 106 3.94 15.73 -26.42
N VAL D 107 3.12 16.31 -25.55
CA VAL D 107 3.49 17.37 -24.65
C VAL D 107 4.62 16.92 -23.71
N LEU D 108 4.45 15.77 -23.06
CA LEU D 108 5.47 15.26 -22.13
C LEU D 108 6.75 14.92 -22.87
N THR D 109 6.61 14.40 -24.07
CA THR D 109 7.79 14.11 -24.90
C THR D 109 8.53 15.40 -25.31
N ALA D 110 7.78 16.42 -25.77
CA ALA D 110 8.36 17.72 -26.15
C ALA D 110 8.98 18.41 -24.96
N ALA D 111 8.25 18.43 -23.84
CA ALA D 111 8.71 19.04 -22.59
C ALA D 111 10.02 18.45 -22.09
N THR D 112 10.15 17.13 -22.23
CA THR D 112 11.41 16.43 -21.86
C THR D 112 12.57 16.76 -22.80
N ALA D 113 12.31 16.85 -24.11
CA ALA D 113 13.33 17.25 -25.11
C ALA D 113 13.83 18.69 -24.96
N ILE D 114 12.93 19.62 -24.67
CA ILE D 114 13.30 21.01 -24.33
C ILE D 114 14.27 21.03 -23.13
N TYR D 115 13.85 20.39 -22.05
CA TYR D 115 14.61 20.25 -20.80
C TYR D 115 16.00 19.65 -21.00
N THR D 116 16.08 18.51 -21.69
CA THR D 116 17.36 17.87 -22.00
C THR D 116 18.06 18.53 -23.21
N LYS D 117 17.50 19.62 -23.74
CA LYS D 117 18.01 20.26 -24.97
C LYS D 117 18.39 19.21 -26.06
N SER D 118 17.44 18.33 -26.37
CA SER D 118 17.63 17.23 -27.32
C SER D 118 16.84 17.48 -28.60
N LEU D 119 17.51 17.29 -29.74
CA LEU D 119 16.82 17.30 -31.04
C LEU D 119 15.89 16.08 -31.09
N LEU D 120 14.60 16.33 -31.26
CA LEU D 120 13.60 15.28 -31.23
C LEU D 120 13.49 14.70 -32.60
N ILE D 121 13.78 13.41 -32.73
CA ILE D 121 13.66 12.73 -34.03
C ILE D 121 12.35 11.94 -34.09
N THR D 122 11.53 12.27 -35.08
CA THR D 122 10.17 11.80 -35.17
C THR D 122 9.82 11.50 -36.62
N ASP D 123 8.96 10.51 -36.81
CA ASP D 123 8.34 10.27 -38.10
C ASP D 123 7.07 11.14 -38.33
N ASP D 124 6.73 12.02 -37.38
CA ASP D 124 5.59 12.93 -37.53
C ASP D 124 5.83 14.33 -36.96
N SER D 125 6.65 15.11 -37.67
CA SER D 125 7.11 16.41 -37.22
C SER D 125 6.01 17.46 -37.06
N LYS D 126 4.94 17.32 -37.83
CA LYS D 126 3.89 18.34 -37.90
C LYS D 126 3.10 18.52 -36.62
N ARG D 127 2.79 17.44 -35.90
CA ARG D 127 2.06 17.55 -34.63
C ARG D 127 2.89 18.17 -33.50
N TYR D 128 4.19 18.32 -33.72
CA TYR D 128 5.08 18.96 -32.76
C TYR D 128 5.30 20.43 -33.10
N GLU D 129 4.78 20.87 -34.25
CA GLU D 129 4.95 22.26 -34.76
C GLU D 129 4.47 23.39 -33.82
N PRO D 130 3.32 23.21 -33.14
CA PRO D 130 2.89 24.20 -32.14
C PRO D 130 3.86 24.40 -30.98
N ARG D 132 7.36 24.23 -31.23
CA ARG D 132 8.61 24.88 -31.69
C ARG D 132 8.87 26.21 -30.98
N ARG D 133 7.81 26.99 -30.80
CA ARG D 133 7.88 28.31 -30.16
C ARG D 133 8.36 28.26 -28.71
N PHE D 134 8.24 27.10 -28.07
CA PHE D 134 8.77 26.86 -26.71
C PHE D 134 10.20 26.31 -26.68
N GLY D 135 10.90 26.36 -27.80
CA GLY D 135 12.28 25.93 -27.80
C GLY D 135 12.56 24.52 -28.32
N LEU D 136 11.54 23.76 -28.71
CA LEU D 136 11.74 22.38 -29.25
C LEU D 136 12.39 22.36 -30.63
N ASP D 137 13.44 21.55 -30.78
CA ASP D 137 14.00 21.23 -32.09
C ASP D 137 13.57 19.84 -32.57
N THR D 138 13.01 19.79 -33.77
CA THR D 138 12.59 18.51 -34.40
C THR D 138 13.31 18.28 -35.73
N PRO D 140 12.83 15.19 -39.08
CA PRO D 140 12.21 13.93 -39.51
C PRO D 140 13.17 12.73 -39.42
N LEU D 141 12.63 11.56 -39.10
CA LEU D 141 13.45 10.37 -39.03
C LEU D 141 14.07 10.04 -40.39
N ASP D 142 13.28 10.23 -41.45
CA ASP D 142 13.76 10.04 -42.83
C ASP D 142 14.99 10.88 -43.15
N LYS D 143 14.95 12.16 -42.76
CA LYS D 143 16.08 13.05 -42.94
C LYS D 143 17.22 12.67 -42.00
N PHE D 144 16.86 12.22 -40.80
CA PHE D 144 17.86 11.83 -39.82
C PHE D 144 18.65 10.67 -40.37
N VAL D 145 17.94 9.66 -40.88
CA VAL D 145 18.57 8.44 -41.42
C VAL D 145 19.51 8.79 -42.56
N LYS D 146 19.08 9.72 -43.42
CA LYS D 146 19.91 10.18 -44.53
C LYS D 146 21.23 10.80 -44.04
N GLU D 147 21.12 11.73 -43.09
CA GLU D 147 22.28 12.43 -42.55
C GLU D 147 23.16 11.54 -41.66
N VAL D 148 22.68 10.35 -41.31
CA VAL D 148 23.49 9.41 -40.53
C VAL D 148 24.38 8.56 -41.44
N GLU D 149 23.79 8.09 -42.54
CA GLU D 149 24.49 7.22 -43.49
C GLU D 149 25.41 7.98 -44.47
#